data_4CHD
#
_entry.id   4CHD
#
_cell.length_a   65.480
_cell.length_b   65.480
_cell.length_c   74.780
_cell.angle_alpha   90.00
_cell.angle_beta   90.00
_cell.angle_gamma   90.00
#
_symmetry.space_group_name_H-M   'P 43 21 2'
#
loop_
_entity.id
_entity.type
_entity.pdbx_description
1 polymer 'POLYMERASE ACIDIC PROTEIN'
2 water water
#
_entity_poly.entity_id   1
_entity_poly.type   'polypeptide(L)'
_entity_poly.pdbx_seq_one_letter_code
;GAMDIYQDPFSRAKSLLKSTILHAERCKEFVGNMLEEYQDPAETTVQSLVPINTWGKSAKRKLQEEITSDPDWHQCPRKR
AKMSYLAIIAGSIQDRDKKQTNVPRAFMLRGSQIEYDMKATRGLVVDTTNRIIVGGETVLREGKGGPEGYVQTGVFEEQP
RC
;
_entity_poly.pdbx_strand_id   A
#
# COMPACT_ATOMS: atom_id res chain seq x y z
N ASP A 8 14.10 7.32 8.31
CA ASP A 8 13.59 8.27 7.27
C ASP A 8 12.33 7.68 6.64
N PRO A 9 11.18 8.38 6.80
CA PRO A 9 9.91 7.86 6.23
C PRO A 9 9.95 7.61 4.73
N PHE A 10 10.63 8.50 3.99
CA PHE A 10 10.68 8.41 2.53
C PHE A 10 11.43 7.16 2.08
N SER A 11 12.63 6.96 2.61
CA SER A 11 13.46 5.81 2.28
C SER A 11 12.84 4.50 2.76
N ARG A 12 12.14 4.58 3.87
CA ARG A 12 11.50 3.43 4.50
C ARG A 12 10.29 2.97 3.69
N ALA A 13 9.54 3.94 3.18
CA ALA A 13 8.41 3.66 2.29
C ALA A 13 8.88 3.09 0.96
N LYS A 14 9.96 3.68 0.43
CA LYS A 14 10.56 3.27 -0.83
C LYS A 14 11.00 1.80 -0.79
N SER A 15 11.74 1.42 0.26
CA SER A 15 12.16 0.02 0.45
C SER A 15 10.99 -0.97 0.45
N LEU A 16 9.97 -0.69 1.25
CA LEU A 16 8.81 -1.58 1.35
C LEU A 16 8.15 -1.77 -0.01
N LEU A 17 7.86 -0.65 -0.68
CA LEU A 17 7.13 -0.69 -1.94
C LEU A 17 7.88 -1.35 -3.08
N LYS A 18 9.21 -1.22 -3.10
CA LYS A 18 10.01 -1.98 -4.07
C LYS A 18 9.86 -3.48 -3.85
N SER A 19 9.97 -3.90 -2.59
CA SER A 19 9.90 -5.32 -2.25
C SER A 19 8.57 -5.96 -2.62
N THR A 20 7.49 -5.18 -2.56
CA THR A 20 6.15 -5.69 -2.88
C THR A 20 5.79 -5.56 -4.38
N ILE A 21 6.15 -4.44 -4.99
CA ILE A 21 5.82 -4.21 -6.40
C ILE A 21 6.66 -5.08 -7.33
N LEU A 22 7.93 -5.31 -6.99
CA LEU A 22 8.83 -6.14 -7.82
C LEU A 22 8.76 -7.64 -7.57
N HIS A 23 8.13 -8.06 -6.47
CA HIS A 23 8.08 -9.49 -6.09
C HIS A 23 6.67 -9.93 -5.71
N ALA A 24 6.10 -10.81 -6.53
CA ALA A 24 4.72 -11.28 -6.39
C ALA A 24 4.48 -12.09 -5.13
N GLU A 25 5.43 -12.97 -4.80
CA GLU A 25 5.32 -13.85 -3.64
C GLU A 25 5.34 -13.03 -2.34
N ARG A 26 6.21 -12.03 -2.30
CA ARG A 26 6.28 -11.11 -1.16
C ARG A 26 5.04 -10.21 -1.09
N CYS A 27 4.54 -9.76 -2.23
CA CYS A 27 3.34 -8.93 -2.23
C CYS A 27 2.11 -9.70 -1.74
N LYS A 28 1.98 -10.93 -2.21
CA LYS A 28 0.87 -11.79 -1.78
C LYS A 28 0.98 -12.08 -0.27
N GLU A 29 2.18 -12.39 0.21
CA GLU A 29 2.42 -12.59 1.63
C GLU A 29 2.04 -11.33 2.43
N PHE A 30 2.58 -10.20 2.00
CA PHE A 30 2.37 -8.93 2.69
C PHE A 30 0.91 -8.56 2.78
N VAL A 31 0.19 -8.71 1.66
CA VAL A 31 -1.23 -8.38 1.60
C VAL A 31 -2.06 -9.27 2.54
N GLY A 32 -1.80 -10.58 2.50
CA GLY A 32 -2.49 -11.53 3.38
C GLY A 32 -2.25 -11.28 4.87
N ASN A 33 -1.02 -10.92 5.24
CA ASN A 33 -0.68 -10.59 6.63
C ASN A 33 -1.34 -9.29 7.11
N MET A 34 -1.42 -8.28 6.24
CA MET A 34 -2.05 -7.01 6.61
C MET A 34 -3.58 -7.15 6.70
N LEU A 35 -4.14 -7.97 5.81
CA LEU A 35 -5.59 -8.20 5.78
C LEU A 35 -6.09 -9.00 6.98
N GLU A 36 -5.32 -10.00 7.41
CA GLU A 36 -5.72 -10.91 8.48
C GLU A 36 -4.98 -10.68 9.81
N GLU A 37 -4.19 -9.60 9.88
CA GLU A 37 -3.27 -9.27 11.00
C GLU A 37 -2.46 -10.42 11.58
N TYR A 38 -1.49 -10.85 10.78
CA TYR A 38 -0.50 -11.83 11.22
C TYR A 38 0.87 -11.20 11.11
N GLN A 39 1.85 -11.78 11.79
CA GLN A 39 3.21 -11.28 11.77
C GLN A 39 3.67 -10.99 10.35
N ASP A 40 4.41 -9.89 10.20
CA ASP A 40 5.01 -9.54 8.93
C ASP A 40 6.23 -8.68 9.20
N PRO A 41 7.33 -8.89 8.43
CA PRO A 41 8.53 -8.08 8.67
C PRO A 41 8.33 -6.55 8.55
N ALA A 42 7.33 -6.10 7.79
CA ALA A 42 7.04 -4.65 7.64
C ALA A 42 5.92 -4.13 8.56
N GLU A 43 5.52 -4.92 9.55
CA GLU A 43 4.47 -4.52 10.52
C GLU A 43 4.64 -3.11 11.09
N THR A 44 5.76 -2.87 11.77
CA THR A 44 5.93 -1.63 12.50
C THR A 44 6.31 -0.51 11.52
N THR A 45 7.00 -0.87 10.44
CA THR A 45 7.21 0.04 9.32
C THR A 45 5.89 0.63 8.84
N VAL A 46 4.93 -0.25 8.54
CA VAL A 46 3.61 0.19 8.04
C VAL A 46 2.96 1.18 9.00
N GLN A 47 3.02 0.90 10.29
CA GLN A 47 2.42 1.76 11.29
C GLN A 47 3.12 3.13 11.40
N SER A 48 4.44 3.14 11.19
CA SER A 48 5.18 4.41 11.20
C SER A 48 4.87 5.31 9.99
N LEU A 49 4.37 4.74 8.89
CA LEU A 49 4.19 5.48 7.63
C LEU A 49 2.83 6.13 7.42
N VAL A 50 1.79 5.61 8.07
CA VAL A 50 0.43 6.06 7.85
C VAL A 50 -0.03 6.84 9.06
N PRO A 51 -0.64 8.04 8.86
CA PRO A 51 -1.15 8.75 10.03
C PRO A 51 -2.31 7.97 10.64
N ILE A 52 -2.50 8.12 11.95
CA ILE A 52 -3.59 7.44 12.64
C ILE A 52 -4.90 7.80 11.96
N ASN A 53 -5.72 6.80 11.68
CA ASN A 53 -6.87 6.97 10.80
C ASN A 53 -8.07 6.06 11.16
N THR A 54 -9.12 6.15 10.35
CA THR A 54 -10.35 5.39 10.52
C THR A 54 -10.68 4.61 9.23
N TRP A 55 -9.64 4.30 8.47
CA TRP A 55 -9.77 3.75 7.12
C TRP A 55 -9.55 2.23 7.01
N GLY A 56 -9.26 1.58 8.13
CA GLY A 56 -8.76 0.21 8.12
C GLY A 56 -9.74 -0.80 7.57
N LYS A 57 -10.96 -0.80 8.08
CA LYS A 57 -11.97 -1.76 7.64
C LYS A 57 -12.33 -1.55 6.17
N SER A 58 -12.44 -0.29 5.76
CA SER A 58 -12.69 0.02 4.36
C SER A 58 -11.61 -0.57 3.46
N ALA A 59 -10.34 -0.39 3.86
CA ALA A 59 -9.20 -0.91 3.10
C ALA A 59 -9.23 -2.43 2.98
N LYS A 60 -9.62 -3.10 4.07
CA LYS A 60 -9.72 -4.56 4.08
C LYS A 60 -10.84 -5.08 3.21
N ARG A 61 -11.97 -4.36 3.17
CA ARG A 61 -13.06 -4.69 2.25
C ARG A 61 -12.60 -4.56 0.80
N LYS A 62 -11.95 -3.45 0.48
CA LYS A 62 -11.38 -3.24 -0.85
C LYS A 62 -10.48 -4.40 -1.23
N LEU A 63 -9.54 -4.73 -0.34
CA LEU A 63 -8.60 -5.85 -0.56
C LEU A 63 -9.32 -7.16 -0.87
N GLN A 64 -10.38 -7.43 -0.12
CA GLN A 64 -11.15 -8.66 -0.26
C GLN A 64 -11.96 -8.68 -1.56
N GLU A 65 -12.50 -7.53 -1.97
CA GLU A 65 -13.21 -7.42 -3.25
C GLU A 65 -12.27 -7.80 -4.40
N GLU A 66 -11.04 -7.31 -4.33
CA GLU A 66 -10.04 -7.55 -5.37
C GLU A 66 -9.64 -9.02 -5.45
N ILE A 67 -9.35 -9.62 -4.31
CA ILE A 67 -9.00 -11.05 -4.27
C ILE A 67 -10.13 -11.92 -4.82
N THR A 68 -11.37 -11.57 -4.48
CA THR A 68 -12.55 -12.26 -5.02
C THR A 68 -12.65 -12.12 -6.54
N SER A 69 -12.54 -10.89 -7.04
CA SER A 69 -12.72 -10.62 -8.47
C SER A 69 -11.55 -11.10 -9.33
N ASP A 70 -10.32 -11.04 -8.79
CA ASP A 70 -9.14 -11.54 -9.50
C ASP A 70 -8.11 -12.18 -8.55
N PRO A 71 -8.21 -13.50 -8.35
CA PRO A 71 -7.23 -14.27 -7.55
C PRO A 71 -5.77 -14.10 -7.98
N ASP A 72 -5.55 -13.93 -9.28
CA ASP A 72 -4.20 -13.81 -9.85
C ASP A 72 -3.70 -12.37 -9.88
N TRP A 73 -4.28 -11.51 -9.04
CA TRP A 73 -3.90 -10.09 -9.01
C TRP A 73 -2.38 -9.91 -8.87
N HIS A 74 -1.76 -10.79 -8.09
CA HIS A 74 -0.31 -10.72 -7.82
C HIS A 74 0.57 -10.91 -9.07
N GLN A 75 -0.02 -11.34 -10.19
CA GLN A 75 0.72 -11.51 -11.44
C GLN A 75 1.03 -10.18 -12.12
N CYS A 76 0.22 -9.16 -11.85
CA CYS A 76 0.28 -7.87 -12.56
C CYS A 76 0.84 -6.76 -11.67
N PRO A 77 2.00 -6.18 -12.06
CA PRO A 77 2.67 -5.11 -11.29
C PRO A 77 1.79 -3.91 -10.91
N ARG A 78 0.89 -3.50 -11.80
CA ARG A 78 -0.03 -2.38 -11.51
C ARG A 78 -0.98 -2.71 -10.37
N LYS A 79 -1.47 -3.95 -10.34
CA LYS A 79 -2.33 -4.43 -9.26
C LYS A 79 -1.56 -4.51 -7.93
N ARG A 80 -0.32 -4.99 -7.97
CA ARG A 80 0.50 -5.08 -6.75
C ARG A 80 0.68 -3.73 -6.08
N ALA A 81 0.94 -2.71 -6.88
CA ALA A 81 1.08 -1.35 -6.38
C ALA A 81 -0.20 -0.91 -5.67
N LYS A 82 -1.33 -1.15 -6.33
CA LYS A 82 -2.66 -0.79 -5.80
C LYS A 82 -2.98 -1.56 -4.51
N MET A 83 -2.74 -2.86 -4.51
CA MET A 83 -2.99 -3.70 -3.34
C MET A 83 -2.00 -3.41 -2.21
N SER A 84 -0.77 -3.02 -2.58
CA SER A 84 0.21 -2.56 -1.59
C SER A 84 -0.30 -1.32 -0.85
N TYR A 85 -0.86 -0.37 -1.61
CA TYR A 85 -1.47 0.83 -1.02
C TYR A 85 -2.54 0.46 0.00
N LEU A 86 -3.48 -0.38 -0.42
CA LEU A 86 -4.59 -0.78 0.44
C LEU A 86 -4.09 -1.56 1.65
N ALA A 87 -3.06 -2.38 1.48
CA ALA A 87 -2.55 -3.23 2.56
C ALA A 87 -1.79 -2.41 3.62
N ILE A 88 -1.04 -1.42 3.17
CA ILE A 88 -0.40 -0.46 4.07
C ILE A 88 -1.44 0.23 4.95
N ILE A 89 -2.56 0.64 4.37
CA ILE A 89 -3.66 1.22 5.17
C ILE A 89 -4.34 0.19 6.09
N ALA A 90 -4.55 -1.02 5.58
CA ALA A 90 -5.17 -2.10 6.37
C ALA A 90 -4.41 -2.41 7.67
N GLY A 91 -3.08 -2.28 7.64
CA GLY A 91 -2.25 -2.56 8.82
C GLY A 91 -1.88 -1.32 9.63
N SER A 92 -2.45 -0.17 9.30
CA SER A 92 -2.13 1.10 9.96
C SER A 92 -2.82 1.22 11.31
N ILE A 93 -2.37 2.18 12.12
CA ILE A 93 -2.96 2.38 13.44
C ILE A 93 -4.31 3.07 13.28
N GLN A 94 -5.33 2.44 13.86
CA GLN A 94 -6.71 2.92 13.82
C GLN A 94 -7.06 3.72 15.08
N ASP A 95 -7.80 4.82 14.89
CA ASP A 95 -8.35 5.58 16.01
C ASP A 95 -9.57 4.83 16.55
N ARG A 96 -9.45 4.34 17.78
CA ARG A 96 -10.49 3.50 18.37
C ARG A 96 -11.74 4.27 18.80
N ASP A 97 -11.64 5.60 18.86
CA ASP A 97 -12.73 6.44 19.38
C ASP A 97 -13.65 7.02 18.31
N LYS A 98 -13.32 6.81 17.05
CA LYS A 98 -14.08 7.41 15.95
C LYS A 98 -14.75 6.36 15.07
N LYS A 99 -15.80 6.77 14.37
CA LYS A 99 -16.47 5.91 13.40
C LYS A 99 -15.52 5.61 12.25
N GLN A 100 -15.53 4.36 11.81
CA GLN A 100 -14.78 3.94 10.64
C GLN A 100 -15.34 4.60 9.37
N THR A 101 -14.45 5.01 8.46
CA THR A 101 -14.82 5.73 7.25
C THR A 101 -14.10 5.15 6.02
N ASN A 102 -14.50 5.59 4.82
CA ASN A 102 -13.97 5.08 3.55
C ASN A 102 -12.50 5.42 3.36
N VAL A 103 -11.74 4.50 2.75
CA VAL A 103 -10.34 4.81 2.39
C VAL A 103 -10.26 6.04 1.50
N PRO A 104 -9.17 6.81 1.65
CA PRO A 104 -8.90 7.92 0.76
C PRO A 104 -8.22 7.42 -0.51
N ARG A 105 -8.30 8.20 -1.57
CA ARG A 105 -7.63 7.83 -2.83
C ARG A 105 -6.14 8.13 -2.73
N ALA A 106 -5.79 9.14 -1.93
CA ALA A 106 -4.39 9.47 -1.64
C ALA A 106 -4.26 9.93 -0.20
N PHE A 107 -3.05 9.82 0.35
CA PHE A 107 -2.76 10.44 1.65
C PHE A 107 -1.29 10.84 1.73
N MET A 108 -0.97 11.66 2.74
CA MET A 108 0.39 12.08 3.00
C MET A 108 1.02 11.14 4.01
N LEU A 109 2.18 10.59 3.67
CA LEU A 109 2.93 9.77 4.62
C LEU A 109 3.13 10.54 5.92
N ARG A 110 2.96 9.83 7.03
CA ARG A 110 3.04 10.41 8.37
C ARG A 110 4.27 11.30 8.57
N GLY A 111 4.03 12.48 9.16
CA GLY A 111 5.10 13.43 9.47
C GLY A 111 5.86 13.94 8.26
N SER A 112 5.17 14.09 7.14
CA SER A 112 5.77 14.60 5.90
C SER A 112 4.70 15.03 4.90
N GLN A 113 5.11 15.81 3.91
CA GLN A 113 4.23 16.15 2.79
C GLN A 113 4.61 15.31 1.57
N ILE A 114 4.88 14.03 1.81
CA ILE A 114 5.12 13.07 0.75
C ILE A 114 3.79 12.42 0.44
N GLU A 115 3.28 12.67 -0.76
CA GLU A 115 1.97 12.15 -1.17
C GLU A 115 2.09 10.73 -1.67
N TYR A 116 1.10 9.92 -1.31
CA TYR A 116 0.99 8.53 -1.73
C TYR A 116 -0.40 8.29 -2.32
N ASP A 117 -0.43 8.00 -3.62
CA ASP A 117 -1.64 7.97 -4.44
C ASP A 117 -1.95 6.53 -4.86
N MET A 118 -3.18 6.09 -4.65
CA MET A 118 -3.60 4.72 -4.98
C MET A 118 -3.59 4.42 -6.48
N LYS A 119 -4.01 5.40 -7.29
CA LYS A 119 -4.01 5.24 -8.75
C LYS A 119 -2.65 5.54 -9.38
N ALA A 120 -1.68 5.89 -8.52
CA ALA A 120 -0.30 6.10 -8.93
C ALA A 120 -0.16 7.18 -10.01
N THR A 121 -0.85 8.29 -9.82
CA THR A 121 -0.74 9.46 -10.71
C THR A 121 0.35 10.42 -10.22
N ARG A 122 0.62 10.41 -8.92
CA ARG A 122 1.42 11.44 -8.28
C ARG A 122 2.11 10.93 -7.02
N GLY A 123 3.32 11.45 -6.76
CA GLY A 123 3.97 11.26 -5.48
C GLY A 123 4.93 10.10 -5.40
N LEU A 124 4.83 9.32 -4.32
CA LEU A 124 5.78 8.25 -4.03
C LEU A 124 5.80 7.18 -5.12
N VAL A 125 4.62 6.71 -5.50
CA VAL A 125 4.53 5.70 -6.54
C VAL A 125 3.83 6.31 -7.74
N VAL A 126 4.50 6.32 -8.87
CA VAL A 126 3.97 6.87 -10.10
C VAL A 126 4.00 5.82 -11.21
N ASP A 127 2.84 5.53 -11.77
CA ASP A 127 2.69 4.60 -12.87
C ASP A 127 2.25 5.41 -14.08
N THR A 128 3.21 5.69 -14.96
CA THR A 128 2.87 6.05 -16.33
C THR A 128 2.73 4.69 -17.02
N THR A 129 1.78 4.54 -17.94
CA THR A 129 1.51 3.22 -18.52
C THR A 129 2.73 2.59 -19.26
N ASN A 130 3.88 3.24 -19.17
CA ASN A 130 5.16 2.72 -19.68
C ASN A 130 6.12 2.30 -18.55
N ARG A 131 6.21 3.12 -17.50
CA ARG A 131 7.07 2.83 -16.34
C ARG A 131 6.29 2.74 -15.03
N ILE A 132 6.94 2.17 -14.03
CA ILE A 132 6.50 2.30 -12.64
C ILE A 132 7.68 2.88 -11.85
N ILE A 133 7.45 4.04 -11.24
CA ILE A 133 8.50 4.80 -10.58
C ILE A 133 8.21 4.90 -9.08
N VAL A 134 9.13 4.38 -8.27
CA VAL A 134 8.99 4.40 -6.81
C VAL A 134 10.04 5.33 -6.22
N GLY A 135 9.57 6.39 -5.58
CA GLY A 135 10.43 7.39 -4.96
C GLY A 135 11.41 8.04 -5.93
N GLY A 136 10.98 8.25 -7.17
CA GLY A 136 11.82 8.86 -8.20
C GLY A 136 12.77 7.90 -8.91
N GLU A 137 12.73 6.63 -8.51
CA GLU A 137 13.58 5.58 -9.10
C GLU A 137 12.69 4.69 -9.97
N THR A 138 13.03 4.55 -11.24
CA THR A 138 12.31 3.67 -12.15
C THR A 138 12.62 2.22 -11.79
N VAL A 139 11.59 1.46 -11.44
CA VAL A 139 11.76 0.06 -11.01
C VAL A 139 11.26 -0.94 -12.06
N LEU A 140 10.26 -0.52 -12.85
CA LEU A 140 9.79 -1.30 -13.99
C LEU A 140 9.57 -0.41 -15.20
N ARG A 141 9.80 -0.96 -16.39
CA ARG A 141 9.54 -0.26 -17.64
C ARG A 141 9.06 -1.25 -18.71
N GLU A 142 7.79 -1.12 -19.12
CA GLU A 142 7.23 -1.94 -20.19
C GLU A 142 7.69 -1.41 -21.54
#